data_9SG2
#
_entry.id   9SG2
#
_cell.length_a   125.730
_cell.length_b   125.730
_cell.length_c   107.530
_cell.angle_alpha   90.00
_cell.angle_beta   90.00
_cell.angle_gamma   90.00
#
_symmetry.space_group_name_H-M   'P 41 21 2'
#
loop_
_entity.id
_entity.type
_entity.pdbx_description
1 polymer Interleukin-17A
2 polymer 'Ixekizumab Fab heavy-chain'
3 polymer 'Ixekizumab Fab light-chain'
#
loop_
_entity_poly.entity_id
_entity_poly.type
_entity_poly.pdbx_seq_one_letter_code
_entity_poly.pdbx_strand_id
1 'polypeptide(L)'
;GPIVKAGITIPRNPGCPNSEDKNFPRTVMVNLNIHNRNTNTNPKRSSDYYNRSTSPWNLHRNEDPERYPSVIWEAKCRHL
GCINADGNVDYHMNSVPIQQEILVLRREPPHCPNSFRLEKILVSVGCTCVTPIVHHVA
;
A
2 'polypeptide(L)'
;QVQLVQSGAEVKKPGSSVKVSCKASGYSFTDYHIHWVRQAPGQGLEWMGVINPMYGTTDYNQRFKGRVTITADESTSTAY
MELSSLRSEDTAVYYCARYDYFTGTGVYWGQGTLVTVSSASTKGPSVFPLAPCSRSTSESTAALGCLVKDYFPEPVTVSW
NSGALTSGVHTFPAVLQSSGLYSLSSVVTVPSSSLGTKTYTCNVDHKPSNTKVDKRVESKYGPPCPPCPAPE
;
H
3 'polypeptide(L)'
;DIVMTQTPLSLSVTPGQPASISCRSSRSLVHSRGNTYLHWYLQKPGQSPQLLIYKVSNRFIGVPDRFSGSGSGTDFTLKI
SRVEAEDVGVYYCSQSTHLPFTFGQGTKLEIKRTVAAPSVFIFPPSDEQLKSGTASVVCLLNNFYPREAKVQWKVDNALQ
SGNSQESVTEQDSKDSTYSLSSTLTLSKADYEKHKVYACEVTHQGLSSPVTKSFNRGEC
;
L
#
# COMPACT_ATOMS: atom_id res chain seq x y z
N ARG A 26 41.57 33.37 -28.90
CA ARG A 26 40.28 33.15 -28.27
C ARG A 26 39.45 34.43 -28.12
N THR A 27 40.09 35.60 -27.94
CA THR A 27 39.41 36.88 -27.72
C THR A 27 39.17 37.70 -28.99
N VAL A 28 37.94 38.24 -29.14
CA VAL A 28 37.50 39.06 -30.29
C VAL A 28 36.77 40.33 -29.80
N MET A 29 36.65 41.35 -30.69
CA MET A 29 35.94 42.60 -30.41
C MET A 29 34.47 42.40 -30.80
N VAL A 30 33.53 42.70 -29.87
CA VAL A 30 32.10 42.49 -30.10
C VAL A 30 31.28 43.77 -29.96
N ASN A 31 30.65 44.21 -31.06
CA ASN A 31 29.78 45.38 -31.08
C ASN A 31 28.38 44.97 -30.67
N LEU A 32 27.75 45.77 -29.80
CA LEU A 32 26.39 45.48 -29.35
C LEU A 32 25.38 46.12 -30.27
N ASN A 33 24.43 45.31 -30.78
CA ASN A 33 23.41 45.77 -31.71
C ASN A 33 22.01 45.23 -31.32
N ILE A 34 21.67 45.37 -30.03
CA ILE A 34 20.41 44.92 -29.46
C ILE A 34 19.42 46.09 -29.44
N SER A 47 1.07 35.45 -31.34
CA SER A 47 0.94 34.00 -31.58
C SER A 47 0.65 33.22 -30.28
N ASP A 48 -0.64 32.83 -30.12
CA ASP A 48 -1.21 32.13 -28.97
C ASP A 48 -0.90 30.60 -28.99
N TYR A 49 0.16 30.18 -29.72
CA TYR A 49 0.57 28.77 -29.92
C TYR A 49 0.70 27.99 -28.65
N TYR A 50 1.32 28.57 -27.62
CA TYR A 50 1.52 27.97 -26.29
C TYR A 50 0.20 27.49 -25.67
N ASN A 51 -0.94 28.14 -26.02
CA ASN A 51 -2.29 27.81 -25.54
C ASN A 51 -3.05 26.92 -26.53
N ARG A 52 -2.93 27.20 -27.83
CA ARG A 52 -3.62 26.50 -28.93
C ARG A 52 -3.01 25.17 -29.33
N SER A 53 -1.77 24.88 -28.88
CA SER A 53 -1.10 23.63 -29.23
C SER A 53 -1.81 22.42 -28.60
N THR A 54 -1.66 21.23 -29.23
CA THR A 54 -2.20 19.98 -28.65
C THR A 54 -1.25 19.58 -27.53
N SER A 55 -0.03 20.15 -27.53
CA SER A 55 0.96 19.97 -26.48
C SER A 55 1.20 21.38 -25.86
N PRO A 56 0.22 21.97 -25.10
CA PRO A 56 0.42 23.32 -24.59
C PRO A 56 1.53 23.45 -23.53
N TRP A 57 2.02 24.67 -23.35
CA TRP A 57 3.10 24.98 -22.42
C TRP A 57 2.96 26.35 -21.75
N ASN A 58 3.77 26.56 -20.70
CA ASN A 58 3.85 27.79 -19.93
C ASN A 58 5.30 28.20 -19.89
N LEU A 59 5.56 29.52 -19.91
CA LEU A 59 6.91 30.07 -19.88
C LEU A 59 7.37 30.35 -18.46
N HIS A 60 8.60 29.94 -18.16
CA HIS A 60 9.23 30.06 -16.84
C HIS A 60 10.47 30.89 -16.92
N ARG A 61 10.60 31.81 -15.94
CA ARG A 61 11.70 32.77 -15.83
C ARG A 61 12.99 32.17 -15.30
N ASN A 62 14.04 32.16 -16.14
CA ASN A 62 15.37 31.70 -15.78
C ASN A 62 16.23 32.96 -15.77
N GLU A 63 16.56 33.43 -14.56
CA GLU A 63 17.34 34.65 -14.37
C GLU A 63 18.70 34.38 -13.73
N ASP A 64 19.76 34.94 -14.34
CA ASP A 64 21.13 34.83 -13.86
C ASP A 64 21.81 36.18 -14.08
N PRO A 65 22.13 36.92 -12.98
CA PRO A 65 22.77 38.25 -13.14
C PRO A 65 24.18 38.22 -13.74
N GLU A 66 24.84 37.05 -13.72
CA GLU A 66 26.20 36.86 -14.24
C GLU A 66 26.18 36.52 -15.73
N ARG A 67 24.98 36.39 -16.31
CA ARG A 67 24.75 36.01 -17.69
C ARG A 67 24.10 37.10 -18.53
N TYR A 68 24.41 37.09 -19.84
CA TYR A 68 23.76 37.90 -20.85
C TYR A 68 23.30 36.98 -22.01
N PRO A 69 21.98 36.85 -22.30
CA PRO A 69 20.84 37.52 -21.64
C PRO A 69 20.65 37.02 -20.21
N SER A 70 20.41 37.96 -19.29
CA SER A 70 20.21 37.65 -17.88
C SER A 70 18.92 36.87 -17.68
N VAL A 71 17.85 37.25 -18.41
CA VAL A 71 16.54 36.59 -18.35
C VAL A 71 16.27 35.78 -19.63
N ILE A 72 15.98 34.48 -19.45
CA ILE A 72 15.60 33.57 -20.52
C ILE A 72 14.27 32.93 -20.13
N TRP A 73 13.25 33.09 -21.00
CA TRP A 73 11.93 32.51 -20.77
C TRP A 73 11.91 31.14 -21.39
N GLU A 74 11.76 30.10 -20.56
CA GLU A 74 11.78 28.71 -21.00
C GLU A 74 10.42 28.03 -20.93
N ALA A 75 10.09 27.23 -21.95
CA ALA A 75 8.82 26.50 -22.01
C ALA A 75 8.81 25.24 -21.14
N LYS A 76 7.73 25.01 -20.41
CA LYS A 76 7.54 23.77 -19.63
C LYS A 76 6.18 23.23 -20.06
N CYS A 77 6.15 21.97 -20.52
CA CYS A 77 4.93 21.34 -21.02
C CYS A 77 3.85 21.25 -19.95
N ARG A 78 2.63 21.71 -20.27
CA ARG A 78 1.50 21.72 -19.34
C ARG A 78 1.01 20.36 -18.90
N HIS A 79 1.11 19.34 -19.78
CA HIS A 79 0.64 17.97 -19.49
C HIS A 79 1.67 16.92 -19.88
N LEU A 80 1.49 15.68 -19.43
CA LEU A 80 2.32 14.53 -19.79
C LEU A 80 1.89 14.14 -21.20
N GLY A 81 0.57 14.05 -21.34
CA GLY A 81 -0.10 13.72 -22.59
C GLY A 81 -0.34 14.95 -23.44
N CYS A 82 -1.10 14.77 -24.52
CA CYS A 82 -1.52 15.80 -25.46
C CYS A 82 -3.01 15.97 -25.37
N ILE A 83 -3.57 17.02 -25.97
CA ILE A 83 -5.01 17.27 -26.04
C ILE A 83 -5.59 16.60 -27.29
N ASN A 84 -6.61 15.74 -27.13
CA ASN A 84 -7.26 15.07 -28.26
C ASN A 84 -8.40 15.91 -28.83
N ALA A 85 -9.07 15.39 -29.91
CA ALA A 85 -10.20 16.04 -30.62
C ALA A 85 -11.38 16.38 -29.69
N ASP A 86 -11.49 15.64 -28.56
CA ASP A 86 -12.54 15.84 -27.58
C ASP A 86 -12.17 16.87 -26.50
N GLY A 87 -10.98 17.47 -26.64
CA GLY A 87 -10.46 18.50 -25.74
C GLY A 87 -9.92 17.98 -24.40
N ASN A 88 -9.85 16.65 -24.27
CA ASN A 88 -9.35 15.96 -23.09
C ASN A 88 -7.86 15.61 -23.25
N VAL A 89 -7.15 15.34 -22.14
CA VAL A 89 -5.75 14.92 -22.16
C VAL A 89 -5.70 13.44 -22.53
N ASP A 90 -4.97 13.14 -23.59
CA ASP A 90 -4.75 11.79 -24.10
C ASP A 90 -3.39 11.30 -23.57
N TYR A 91 -3.43 10.30 -22.68
CA TYR A 91 -2.24 9.72 -22.04
C TYR A 91 -1.33 8.98 -23.02
N HIS A 92 -1.88 8.50 -24.15
CA HIS A 92 -1.17 7.68 -25.11
C HIS A 92 -0.45 8.47 -26.20
N MET A 93 -0.29 9.77 -25.97
CA MET A 93 0.51 10.66 -26.78
C MET A 93 1.31 11.46 -25.75
N ASN A 94 2.48 12.00 -26.13
CA ASN A 94 3.26 12.75 -25.16
C ASN A 94 3.60 14.15 -25.60
N SER A 95 3.43 15.12 -24.67
CA SER A 95 3.88 16.49 -24.82
C SER A 95 5.39 16.45 -24.47
N VAL A 96 6.26 16.79 -25.45
CA VAL A 96 7.70 16.78 -25.21
C VAL A 96 8.28 18.15 -25.50
N PRO A 97 9.27 18.66 -24.71
CA PRO A 97 9.80 20.00 -24.99
C PRO A 97 10.80 19.97 -26.13
N ILE A 98 10.70 20.93 -27.01
CA ILE A 98 11.64 21.02 -28.11
C ILE A 98 12.75 21.99 -27.69
N GLN A 99 13.97 21.42 -27.56
CA GLN A 99 15.16 22.08 -27.03
C GLN A 99 16.18 22.40 -28.08
N GLN A 100 16.90 23.50 -27.86
CA GLN A 100 17.94 23.97 -28.77
C GLN A 100 19.06 24.64 -27.99
N GLU A 101 20.29 24.46 -28.50
CA GLU A 101 21.52 25.05 -27.97
C GLU A 101 21.51 26.55 -28.29
N ILE A 102 21.68 27.39 -27.26
CA ILE A 102 21.73 28.85 -27.42
C ILE A 102 23.07 29.40 -26.89
N LEU A 103 23.59 30.48 -27.51
CA LEU A 103 24.83 31.13 -27.09
C LEU A 103 24.56 32.20 -26.06
N VAL A 104 25.21 32.11 -24.89
CA VAL A 104 25.08 33.09 -23.83
C VAL A 104 26.47 33.58 -23.37
N LEU A 105 26.54 34.82 -22.83
CA LEU A 105 27.78 35.38 -22.31
C LEU A 105 27.76 35.28 -20.79
N ARG A 106 28.86 34.84 -20.19
CA ARG A 106 28.98 34.77 -18.74
C ARG A 106 30.19 35.61 -18.32
N ARG A 107 30.04 36.43 -17.27
CA ARG A 107 31.15 37.27 -16.76
C ARG A 107 32.35 36.41 -16.35
N GLU A 108 33.53 36.72 -16.92
CA GLU A 108 34.78 36.01 -16.65
C GLU A 108 35.96 36.98 -16.49
N PRO A 109 36.61 37.07 -15.31
CA PRO A 109 36.30 36.36 -14.05
C PRO A 109 34.97 36.81 -13.44
N PRO A 110 34.39 36.09 -12.44
CA PRO A 110 33.09 36.50 -11.89
C PRO A 110 33.03 37.95 -11.39
N HIS A 111 31.85 38.59 -11.58
CA HIS A 111 31.50 39.95 -11.16
C HIS A 111 32.23 41.06 -11.95
N CYS A 112 32.86 40.71 -13.10
CA CYS A 112 33.55 41.67 -13.96
C CYS A 112 32.59 42.11 -15.07
N PRO A 113 32.13 43.38 -15.06
CA PRO A 113 31.16 43.82 -16.08
C PRO A 113 31.68 43.97 -17.51
N ASN A 114 33.02 44.07 -17.69
CA ASN A 114 33.68 44.28 -18.98
C ASN A 114 34.29 43.03 -19.67
N SER A 115 34.34 41.89 -18.96
CA SER A 115 34.96 40.68 -19.50
C SER A 115 34.03 39.47 -19.40
N PHE A 116 33.90 38.72 -20.53
CA PHE A 116 32.97 37.58 -20.66
C PHE A 116 33.58 36.34 -21.33
N ARG A 117 32.86 35.21 -21.18
CA ARG A 117 33.15 33.91 -21.79
C ARG A 117 31.87 33.45 -22.52
N LEU A 118 32.03 32.83 -23.70
CA LEU A 118 30.92 32.26 -24.48
C LEU A 118 30.53 30.93 -23.88
N GLU A 119 29.22 30.70 -23.70
CA GLU A 119 28.68 29.45 -23.16
C GLU A 119 27.52 28.96 -23.99
N LYS A 120 27.37 27.63 -24.08
CA LYS A 120 26.28 26.97 -24.79
C LYS A 120 25.41 26.26 -23.77
N ILE A 121 24.12 26.64 -23.73
CA ILE A 121 23.14 26.07 -22.80
C ILE A 121 21.94 25.56 -23.59
N LEU A 122 21.18 24.60 -23.03
CA LEU A 122 19.99 24.06 -23.66
C LEU A 122 18.77 24.76 -23.10
N VAL A 123 17.88 25.25 -23.98
CA VAL A 123 16.64 25.90 -23.57
C VAL A 123 15.46 25.26 -24.28
N SER A 124 14.32 25.15 -23.59
CA SER A 124 13.08 24.62 -24.17
C SER A 124 12.33 25.82 -24.74
N VAL A 125 12.08 25.82 -26.06
CA VAL A 125 11.43 26.94 -26.76
C VAL A 125 9.88 26.72 -26.94
N GLY A 126 9.46 25.48 -26.80
CA GLY A 126 8.06 25.09 -26.91
C GLY A 126 7.90 23.60 -26.73
N CYS A 127 6.68 23.09 -26.94
CA CYS A 127 6.41 21.66 -26.80
C CYS A 127 5.75 21.14 -28.06
N THR A 128 5.99 19.85 -28.37
CA THR A 128 5.41 19.15 -29.50
C THR A 128 4.68 17.88 -29.00
N CYS A 129 3.83 17.29 -29.81
CA CYS A 129 3.12 16.06 -29.46
C CYS A 129 3.71 14.92 -30.26
N VAL A 130 4.17 13.87 -29.55
CA VAL A 130 4.78 12.70 -30.20
C VAL A 130 4.11 11.40 -29.81
N THR A 131 4.12 10.38 -30.72
CA THR A 131 3.65 9.04 -30.32
C THR A 131 4.78 8.47 -29.44
N PRO A 132 4.48 7.77 -28.34
CA PRO A 132 5.55 7.29 -27.47
C PRO A 132 6.40 6.14 -28.05
N ILE A 133 7.60 5.94 -27.45
CA ILE A 133 8.46 4.78 -27.72
C ILE A 133 7.99 3.69 -26.76
N VAL A 134 7.79 2.48 -27.29
CA VAL A 134 7.39 1.28 -26.54
C VAL A 134 8.67 0.49 -26.25
N HIS A 135 9.00 0.27 -24.98
CA HIS A 135 10.23 -0.45 -24.68
C HIS A 135 10.00 -1.96 -24.36
N HIS A 136 10.91 -2.81 -24.87
CA HIS A 136 10.98 -4.24 -24.59
C HIS A 136 12.47 -4.72 -24.74
N VAL A 137 12.79 -5.96 -24.28
CA VAL A 137 14.15 -6.53 -24.34
C VAL A 137 14.12 -7.92 -25.00
N GLN B 1 16.91 -6.72 -9.86
CA GLN B 1 15.80 -6.67 -10.82
C GLN B 1 14.93 -5.39 -10.65
N VAL B 2 13.76 -5.26 -11.34
CA VAL B 2 12.93 -4.04 -11.22
C VAL B 2 12.35 -3.89 -9.82
N GLN B 3 12.65 -2.77 -9.14
CA GLN B 3 12.21 -2.60 -7.76
C GLN B 3 11.86 -1.16 -7.38
N LEU B 4 10.74 -0.97 -6.63
CA LEU B 4 10.25 0.32 -6.13
C LEU B 4 10.17 0.33 -4.59
N VAL B 5 10.97 1.18 -3.95
CA VAL B 5 10.95 1.25 -2.49
C VAL B 5 10.44 2.60 -2.00
N GLN B 6 9.35 2.58 -1.25
CA GLN B 6 8.73 3.76 -0.68
C GLN B 6 9.25 4.11 0.73
N SER B 7 8.97 5.34 1.16
CA SER B 7 9.38 5.81 2.49
C SER B 7 8.41 5.23 3.54
N GLY B 8 8.89 5.12 4.80
CA GLY B 8 8.13 4.58 5.93
C GLY B 8 6.86 5.31 6.29
N ALA B 9 6.01 4.65 7.06
CA ALA B 9 4.70 5.20 7.43
C ALA B 9 4.77 6.51 8.23
N GLU B 10 3.76 7.38 8.06
CA GLU B 10 3.73 8.65 8.77
C GLU B 10 2.40 9.02 9.38
N VAL B 11 2.49 9.88 10.41
CA VAL B 11 1.35 10.45 11.11
C VAL B 11 1.42 11.99 10.91
N LYS B 12 0.36 12.56 10.36
CA LYS B 12 0.29 13.99 10.07
C LYS B 12 -0.94 14.58 10.66
N LYS B 13 -0.82 15.81 11.19
CA LYS B 13 -1.96 16.49 11.79
C LYS B 13 -2.89 17.06 10.69
N PRO B 14 -4.22 17.18 10.94
CA PRO B 14 -5.09 17.76 9.90
C PRO B 14 -4.60 19.14 9.49
N GLY B 15 -4.57 19.38 8.18
CA GLY B 15 -4.11 20.64 7.61
C GLY B 15 -2.66 20.63 7.18
N SER B 16 -1.87 19.67 7.69
CA SER B 16 -0.48 19.57 7.29
C SER B 16 -0.32 18.95 5.86
N SER B 17 0.91 18.75 5.41
CA SER B 17 1.19 18.17 4.11
C SER B 17 2.15 17.01 4.28
N VAL B 18 1.98 15.96 3.47
CA VAL B 18 2.82 14.76 3.52
C VAL B 18 3.57 14.63 2.21
N LYS B 19 4.82 14.11 2.27
CA LYS B 19 5.61 13.87 1.08
C LYS B 19 6.12 12.44 1.12
N VAL B 20 5.56 11.55 0.24
CA VAL B 20 5.98 10.16 0.13
C VAL B 20 6.98 9.99 -1.00
N SER B 21 8.10 9.26 -0.78
CA SER B 21 9.12 9.02 -1.79
C SER B 21 9.03 7.59 -2.37
N CYS B 22 9.60 7.36 -3.58
CA CYS B 22 9.53 6.12 -4.31
C CYS B 22 10.84 5.93 -5.04
N LYS B 23 11.76 5.14 -4.48
CA LYS B 23 13.09 4.90 -5.05
C LYS B 23 13.10 3.74 -6.06
N ALA B 24 13.47 4.04 -7.30
CA ALA B 24 13.48 3.05 -8.38
C ALA B 24 14.84 2.51 -8.69
N SER B 25 14.88 1.23 -9.10
CA SER B 25 16.10 0.50 -9.46
C SER B 25 15.77 -0.67 -10.41
N GLY B 26 16.79 -1.15 -11.13
CA GLY B 26 16.68 -2.29 -12.04
C GLY B 26 16.31 -1.89 -13.44
N TYR B 27 16.22 -0.59 -13.71
CA TYR B 27 15.86 -0.10 -15.05
C TYR B 27 16.26 1.35 -15.21
N SER B 28 16.18 1.90 -16.47
CA SER B 28 16.50 3.32 -16.74
C SER B 28 15.32 4.16 -16.29
N PHE B 29 15.51 4.87 -15.16
CA PHE B 29 14.51 5.68 -14.47
C PHE B 29 13.73 6.59 -15.38
N THR B 30 14.44 7.27 -16.26
CA THR B 30 13.89 8.27 -17.15
C THR B 30 12.98 7.70 -18.23
N ASP B 31 13.13 6.42 -18.60
CA ASP B 31 12.39 5.81 -19.71
C ASP B 31 10.94 5.40 -19.40
N TYR B 32 10.55 5.38 -18.10
CA TYR B 32 9.21 4.95 -17.68
C TYR B 32 8.52 5.93 -16.79
N HIS B 33 7.19 6.10 -16.99
CA HIS B 33 6.33 6.96 -16.18
C HIS B 33 6.06 6.34 -14.80
N ILE B 34 5.94 7.20 -13.77
CA ILE B 34 5.65 6.80 -12.41
C ILE B 34 4.30 7.31 -12.03
N HIS B 35 3.38 6.40 -11.66
CA HIS B 35 2.01 6.76 -11.25
C HIS B 35 1.89 6.60 -9.73
N TRP B 36 0.95 7.34 -9.13
CA TRP B 36 0.65 7.27 -7.71
C TRP B 36 -0.80 6.90 -7.55
N VAL B 37 -1.04 5.89 -6.71
CA VAL B 37 -2.38 5.36 -6.45
C VAL B 37 -2.56 5.20 -4.93
N ARG B 38 -3.71 5.60 -4.38
CA ARG B 38 -3.97 5.42 -2.94
C ARG B 38 -5.16 4.49 -2.61
N GLN B 39 -5.23 4.07 -1.36
CA GLN B 39 -6.27 3.19 -0.86
C GLN B 39 -6.60 3.49 0.63
N ALA B 40 -7.77 4.13 0.89
CA ALA B 40 -8.25 4.40 2.27
C ALA B 40 -8.65 3.07 2.91
N PRO B 41 -8.57 2.91 4.27
CA PRO B 41 -8.79 1.58 4.88
C PRO B 41 -10.07 0.89 4.45
N GLY B 42 -9.93 -0.38 4.06
CA GLY B 42 -11.02 -1.20 3.53
C GLY B 42 -11.76 -0.54 2.38
N GLN B 43 -11.03 0.12 1.48
CA GLN B 43 -11.64 0.80 0.33
C GLN B 43 -10.92 0.40 -0.94
N GLY B 44 -11.45 0.82 -2.08
CA GLY B 44 -10.84 0.50 -3.37
C GLY B 44 -9.60 1.32 -3.66
N LEU B 45 -8.99 1.07 -4.84
CA LEU B 45 -7.79 1.78 -5.30
C LEU B 45 -8.24 3.07 -6.00
N GLU B 46 -7.45 4.15 -5.90
CA GLU B 46 -7.79 5.44 -6.49
C GLU B 46 -6.55 6.07 -7.08
N TRP B 47 -6.59 6.37 -8.37
CA TRP B 47 -5.47 6.94 -9.11
C TRP B 47 -5.31 8.40 -8.74
N MET B 48 -4.11 8.77 -8.32
CA MET B 48 -3.86 10.14 -7.92
C MET B 48 -3.22 11.00 -9.02
N GLY B 49 -2.22 10.46 -9.72
CA GLY B 49 -1.52 11.20 -10.75
C GLY B 49 -0.33 10.49 -11.37
N VAL B 50 0.38 11.19 -12.28
CA VAL B 50 1.50 10.66 -13.05
C VAL B 50 2.61 11.69 -13.32
N ILE B 51 3.86 11.23 -13.42
CA ILE B 51 5.04 12.03 -13.76
C ILE B 51 5.81 11.33 -14.87
N ASN B 52 6.36 12.09 -15.82
CA ASN B 52 7.29 11.59 -16.84
C ASN B 52 8.71 12.05 -16.38
N PRO B 53 9.46 11.18 -15.61
CA PRO B 53 10.77 11.58 -15.07
C PRO B 53 11.76 12.19 -16.03
N MET B 54 11.58 11.98 -17.34
CA MET B 54 12.47 12.53 -18.35
C MET B 54 12.34 14.05 -18.50
N TYR B 55 11.12 14.57 -18.33
CA TYR B 55 10.80 15.97 -18.55
C TYR B 55 10.06 16.66 -17.43
N GLY B 56 9.64 15.92 -16.43
CA GLY B 56 8.88 16.46 -15.32
C GLY B 56 7.46 16.83 -15.70
N THR B 57 6.91 16.19 -16.76
CA THR B 57 5.56 16.49 -17.21
C THR B 57 4.63 15.64 -16.41
N THR B 58 3.56 16.26 -15.88
CA THR B 58 2.62 15.58 -14.99
C THR B 58 1.19 15.72 -15.43
N ASP B 59 0.35 14.83 -14.89
CA ASP B 59 -1.09 14.84 -15.02
C ASP B 59 -1.70 14.31 -13.74
N TYR B 60 -2.68 15.06 -13.21
CA TYR B 60 -3.32 14.78 -11.94
C TYR B 60 -4.79 14.41 -12.00
N ASN B 61 -5.31 13.90 -10.88
CA ASN B 61 -6.73 13.62 -10.74
C ASN B 61 -7.37 14.91 -10.21
N GLN B 62 -8.40 15.43 -10.89
CA GLN B 62 -9.09 16.66 -10.48
C GLN B 62 -9.79 16.57 -9.12
N ARG B 63 -10.14 15.35 -8.68
CA ARG B 63 -10.82 15.09 -7.40
C ARG B 63 -10.00 15.65 -6.22
N PHE B 64 -8.67 15.57 -6.31
CA PHE B 64 -7.80 16.06 -5.23
C PHE B 64 -7.58 17.53 -5.32
N LYS B 65 -8.04 18.14 -6.41
CA LYS B 65 -7.87 19.58 -6.69
C LYS B 65 -6.37 19.88 -6.70
N GLY B 66 -6.00 21.14 -6.48
CA GLY B 66 -4.59 21.53 -6.46
C GLY B 66 -3.95 21.23 -5.12
N ARG B 67 -4.10 19.95 -4.60
CA ARG B 67 -3.52 19.49 -3.32
C ARG B 67 -2.35 18.54 -3.52
N VAL B 68 -2.30 17.85 -4.69
CA VAL B 68 -1.29 16.85 -5.06
C VAL B 68 -0.19 17.47 -5.95
N THR B 69 1.07 17.23 -5.61
CA THR B 69 2.23 17.66 -6.40
C THR B 69 3.12 16.42 -6.52
N ILE B 70 3.39 15.98 -7.76
CA ILE B 70 4.24 14.80 -8.01
C ILE B 70 5.48 15.31 -8.70
N THR B 71 6.64 14.85 -8.22
CA THR B 71 7.96 15.25 -8.74
C THR B 71 8.94 14.08 -8.81
N ALA B 72 9.98 14.19 -9.64
CA ALA B 72 10.99 13.14 -9.79
C ALA B 72 12.36 13.73 -9.91
N ASP B 73 13.33 13.06 -9.28
CA ASP B 73 14.73 13.41 -9.27
C ASP B 73 15.50 12.35 -10.02
N GLU B 74 15.97 12.72 -11.19
CA GLU B 74 16.75 11.88 -12.10
C GLU B 74 17.98 11.29 -11.40
N SER B 75 18.75 12.14 -10.68
CA SER B 75 20.01 11.80 -10.02
C SER B 75 19.90 10.76 -8.87
N THR B 76 18.77 10.74 -8.15
CA THR B 76 18.53 9.81 -7.04
C THR B 76 17.48 8.71 -7.40
N SER B 77 16.99 8.70 -8.68
CA SER B 77 16.00 7.78 -9.24
C SER B 77 14.79 7.69 -8.33
N THR B 78 14.36 8.84 -7.84
CA THR B 78 13.29 8.88 -6.87
C THR B 78 12.19 9.83 -7.30
N ALA B 79 10.97 9.35 -7.17
CA ALA B 79 9.78 10.15 -7.41
C ALA B 79 9.09 10.44 -6.06
N TYR B 80 8.39 11.54 -5.96
CA TYR B 80 7.79 11.94 -4.71
C TYR B 80 6.37 12.39 -4.95
N MET B 81 5.47 12.12 -4.01
CA MET B 81 4.12 12.68 -4.07
C MET B 81 3.89 13.47 -2.81
N GLU B 82 3.44 14.70 -3.01
CA GLU B 82 3.18 15.65 -1.96
C GLU B 82 1.73 16.01 -1.87
N LEU B 83 1.06 15.52 -0.81
CA LEU B 83 -0.36 15.83 -0.59
C LEU B 83 -0.56 16.87 0.53
N SER B 84 -1.02 18.08 0.18
CA SER B 84 -1.19 19.20 1.13
C SER B 84 -2.59 19.25 1.72
N SER B 85 -2.82 20.13 2.72
CA SER B 85 -4.09 20.33 3.41
C SER B 85 -4.80 19.01 3.74
N LEU B 86 -4.12 18.18 4.52
CA LEU B 86 -4.56 16.85 4.90
C LEU B 86 -5.83 16.82 5.73
N ARG B 87 -6.73 15.91 5.36
CA ARG B 87 -8.03 15.67 5.98
C ARG B 87 -8.02 14.27 6.59
N SER B 88 -8.98 13.97 7.49
CA SER B 88 -9.08 12.62 8.09
C SER B 88 -9.25 11.56 6.99
N GLU B 89 -9.97 11.93 5.91
CA GLU B 89 -10.28 11.15 4.71
C GLU B 89 -9.05 10.83 3.89
N ASP B 90 -7.96 11.56 4.12
CA ASP B 90 -6.72 11.31 3.42
C ASP B 90 -5.91 10.23 4.08
N THR B 91 -6.40 9.69 5.22
CA THR B 91 -5.76 8.57 5.88
C THR B 91 -5.87 7.43 4.86
N ALA B 92 -4.73 6.89 4.41
CA ALA B 92 -4.70 5.86 3.36
C ALA B 92 -3.30 5.26 3.17
N VAL B 93 -3.24 4.18 2.34
CA VAL B 93 -1.98 3.60 1.92
C VAL B 93 -1.72 4.21 0.53
N TYR B 94 -0.53 4.76 0.35
CA TYR B 94 -0.16 5.41 -0.90
C TYR B 94 0.84 4.51 -1.63
N TYR B 95 0.56 4.20 -2.90
CA TYR B 95 1.43 3.36 -3.73
C TYR B 95 2.01 4.14 -4.89
N CYS B 96 3.21 3.73 -5.33
CA CYS B 96 3.80 4.21 -6.56
C CYS B 96 3.90 3.01 -7.53
N ALA B 97 3.73 3.24 -8.81
CA ALA B 97 3.74 2.18 -9.82
C ALA B 97 4.42 2.63 -11.11
N ARG B 98 5.27 1.80 -11.75
CA ARG B 98 5.75 2.30 -13.02
C ARG B 98 4.91 1.70 -14.13
N TYR B 99 4.41 2.59 -15.03
CA TYR B 99 3.58 2.20 -16.18
C TYR B 99 4.48 1.99 -17.41
N ASP B 100 3.93 1.51 -18.52
CA ASP B 100 4.65 1.25 -19.78
C ASP B 100 3.67 1.18 -20.94
N TYR B 101 4.14 1.36 -22.16
CA TYR B 101 3.25 1.39 -23.30
C TYR B 101 2.98 0.03 -23.99
N PHE B 102 3.70 -1.03 -23.57
CA PHE B 102 3.52 -2.39 -24.10
C PHE B 102 2.32 -3.00 -23.41
N THR B 103 2.36 -2.96 -22.10
CA THR B 103 1.35 -3.48 -21.21
C THR B 103 0.19 -2.49 -21.14
N GLY B 104 0.55 -1.20 -21.12
CA GLY B 104 -0.39 -0.09 -21.05
C GLY B 104 -0.83 0.24 -19.65
N THR B 105 -0.30 -0.46 -18.62
CA THR B 105 -0.68 -0.31 -17.19
C THR B 105 0.53 -0.44 -16.26
N GLY B 106 0.27 -0.40 -14.95
CA GLY B 106 1.30 -0.51 -13.94
C GLY B 106 1.66 -1.93 -13.62
N VAL B 107 2.87 -2.31 -14.01
CA VAL B 107 3.39 -3.65 -13.75
C VAL B 107 4.05 -3.69 -12.34
N TYR B 108 5.13 -2.92 -12.16
CA TYR B 108 5.93 -2.88 -10.94
C TYR B 108 5.41 -1.87 -9.93
N TRP B 109 5.19 -2.33 -8.68
CA TRP B 109 4.64 -1.51 -7.60
C TRP B 109 5.56 -1.40 -6.37
N GLY B 110 5.48 -0.25 -5.72
CA GLY B 110 6.12 -0.02 -4.43
C GLY B 110 5.36 -0.78 -3.35
N GLN B 111 5.98 -0.96 -2.21
CA GLN B 111 5.38 -1.70 -1.11
C GLN B 111 4.19 -1.03 -0.44
N GLY B 112 4.06 0.28 -0.58
CA GLY B 112 2.99 1.04 0.04
C GLY B 112 3.51 1.94 1.14
N THR B 113 2.73 2.96 1.51
CA THR B 113 3.08 3.87 2.58
C THR B 113 1.80 4.26 3.28
N LEU B 114 1.73 3.97 4.61
CA LEU B 114 0.52 4.31 5.36
C LEU B 114 0.64 5.72 5.96
N VAL B 115 -0.35 6.59 5.74
CA VAL B 115 -0.34 7.96 6.24
C VAL B 115 -1.59 8.14 7.07
N THR B 116 -1.40 8.31 8.38
CA THR B 116 -2.52 8.46 9.31
C THR B 116 -2.73 9.94 9.53
N VAL B 117 -3.94 10.46 9.23
CA VAL B 117 -4.19 11.87 9.49
C VAL B 117 -4.85 11.98 10.86
N SER B 118 -4.06 12.39 11.87
CA SER B 118 -4.53 12.48 13.25
C SER B 118 -3.84 13.55 14.08
N SER B 119 -4.62 14.24 14.91
CA SER B 119 -4.12 15.23 15.86
C SER B 119 -3.58 14.53 17.14
N ALA B 120 -3.54 13.17 17.13
CA ALA B 120 -3.11 12.28 18.19
C ALA B 120 -1.63 12.12 18.25
N SER B 121 -1.11 12.08 19.49
CA SER B 121 0.29 11.98 19.84
C SER B 121 0.86 10.62 19.55
N THR B 122 2.09 10.59 19.04
CA THR B 122 2.80 9.34 18.73
C THR B 122 3.24 8.65 20.03
N LYS B 123 2.96 7.34 20.15
CA LYS B 123 3.37 6.55 21.31
C LYS B 123 3.87 5.19 20.87
N GLY B 124 5.01 4.81 21.42
CA GLY B 124 5.67 3.54 21.18
C GLY B 124 4.97 2.43 21.94
N PRO B 125 5.08 1.19 21.48
CA PRO B 125 4.37 0.10 22.16
C PRO B 125 4.98 -0.35 23.48
N SER B 126 4.26 -1.22 24.19
CA SER B 126 4.65 -1.91 25.41
C SER B 126 4.54 -3.38 25.03
N VAL B 127 5.67 -4.09 25.07
CA VAL B 127 5.68 -5.49 24.67
C VAL B 127 5.69 -6.41 25.90
N PHE B 128 4.61 -7.16 26.08
CA PHE B 128 4.46 -8.10 27.18
C PHE B 128 4.49 -9.55 26.68
N PRO B 129 5.04 -10.50 27.46
CA PRO B 129 5.07 -11.90 27.00
C PRO B 129 3.75 -12.63 27.18
N LEU B 130 3.49 -13.59 26.28
CA LEU B 130 2.33 -14.46 26.36
C LEU B 130 2.85 -15.88 26.49
N ALA B 131 2.94 -16.38 27.73
CA ALA B 131 3.40 -17.74 27.98
C ALA B 131 2.26 -18.47 28.66
N PRO B 132 2.18 -19.82 28.54
CA PRO B 132 1.06 -20.55 29.19
C PRO B 132 1.12 -20.61 30.73
N CYS B 133 -0.05 -20.88 31.37
CA CYS B 133 -0.15 -21.02 32.83
C CYS B 133 -0.24 -22.47 33.26
N GLU B 139 -1.51 -30.22 24.73
CA GLU B 139 -0.43 -30.84 25.51
C GLU B 139 0.98 -30.95 24.81
N SER B 140 1.07 -31.45 23.53
CA SER B 140 2.33 -31.66 22.76
C SER B 140 2.70 -30.53 21.76
N THR B 141 1.78 -29.57 21.58
CA THR B 141 1.97 -28.32 20.83
C THR B 141 1.64 -27.22 21.82
N ALA B 142 2.51 -26.19 21.85
CA ALA B 142 2.40 -25.03 22.74
C ALA B 142 2.31 -23.79 21.89
N ALA B 143 1.78 -22.74 22.50
CA ALA B 143 1.68 -21.44 21.86
C ALA B 143 2.27 -20.45 22.80
N LEU B 144 2.91 -19.48 22.23
CA LEU B 144 3.50 -18.40 22.97
C LEU B 144 3.41 -17.18 22.06
N GLY B 145 3.45 -15.98 22.64
CA GLY B 145 3.30 -14.76 21.87
C GLY B 145 3.74 -13.49 22.55
N CYS B 146 3.40 -12.36 21.94
CA CYS B 146 3.71 -11.05 22.47
C CYS B 146 2.55 -10.10 22.36
N LEU B 147 2.15 -9.49 23.49
CA LEU B 147 1.12 -8.48 23.48
C LEU B 147 1.83 -7.12 23.22
N VAL B 148 1.59 -6.51 22.04
CA VAL B 148 2.16 -5.21 21.60
C VAL B 148 1.01 -4.24 21.83
N LYS B 149 1.04 -3.58 22.96
CA LYS B 149 -0.07 -2.80 23.43
C LYS B 149 0.21 -1.30 23.52
N ASP B 150 -0.84 -0.49 23.26
CA ASP B 150 -0.89 0.97 23.45
C ASP B 150 0.15 1.81 22.68
N TYR B 151 0.12 1.72 21.35
CA TYR B 151 0.99 2.45 20.44
C TYR B 151 0.16 3.26 19.46
N PHE B 152 0.73 4.32 18.94
CA PHE B 152 0.11 5.16 17.94
C PHE B 152 1.24 5.79 17.13
N PRO B 153 1.20 5.76 15.78
CA PRO B 153 0.16 5.21 14.89
C PRO B 153 0.49 3.80 14.41
N GLU B 154 -0.19 3.32 13.38
CA GLU B 154 0.19 2.04 12.81
C GLU B 154 1.33 2.32 11.77
N PRO B 155 2.23 1.35 11.42
CA PRO B 155 2.27 -0.06 11.78
C PRO B 155 3.45 -0.49 12.68
N VAL B 156 3.34 -1.73 13.20
CA VAL B 156 4.43 -2.41 13.92
C VAL B 156 4.87 -3.63 13.10
N THR B 157 6.11 -4.07 13.31
CA THR B 157 6.65 -5.26 12.69
C THR B 157 7.06 -6.25 13.79
N VAL B 158 6.45 -7.43 13.77
CA VAL B 158 6.79 -8.41 14.77
C VAL B 158 7.42 -9.62 14.11
N SER B 159 8.68 -9.84 14.37
CA SER B 159 9.37 -11.03 13.92
C SER B 159 9.68 -11.90 15.15
N TRP B 160 10.12 -13.15 14.90
CA TRP B 160 10.51 -14.07 15.97
C TRP B 160 11.96 -14.56 15.77
N ASN B 161 12.76 -14.53 16.87
CA ASN B 161 14.16 -14.92 16.90
C ASN B 161 14.94 -14.27 15.73
N SER B 162 14.74 -12.94 15.56
CA SER B 162 15.34 -12.09 14.54
C SER B 162 15.07 -12.56 13.11
N GLY B 163 13.83 -12.98 12.84
CA GLY B 163 13.44 -13.44 11.52
C GLY B 163 13.66 -14.92 11.25
N ALA B 164 14.31 -15.62 12.19
CA ALA B 164 14.56 -17.07 12.11
C ALA B 164 13.21 -17.83 11.98
N LEU B 165 12.39 -17.76 13.04
CA LEU B 165 11.08 -18.37 13.19
C LEU B 165 10.01 -17.63 12.41
N THR B 166 9.51 -18.24 11.34
CA THR B 166 8.47 -17.62 10.51
C THR B 166 7.25 -18.53 10.29
N SER B 167 7.46 -19.85 10.41
CA SER B 167 6.40 -20.82 10.25
C SER B 167 5.60 -20.91 11.55
N GLY B 168 4.27 -20.78 11.41
CA GLY B 168 3.34 -20.91 12.52
C GLY B 168 3.08 -19.65 13.31
N VAL B 169 3.56 -18.52 12.80
CA VAL B 169 3.44 -17.19 13.38
C VAL B 169 2.20 -16.53 12.81
N HIS B 170 1.44 -15.86 13.71
CA HIS B 170 0.25 -15.06 13.42
C HIS B 170 0.33 -13.70 14.13
N THR B 171 0.60 -12.61 13.37
CA THR B 171 0.60 -11.25 13.92
C THR B 171 -0.74 -10.66 13.54
N PHE B 172 -1.67 -10.59 14.51
CA PHE B 172 -3.06 -10.17 14.33
C PHE B 172 -3.26 -8.75 13.90
N PRO B 173 -4.25 -8.49 13.02
CA PRO B 173 -4.52 -7.09 12.64
C PRO B 173 -4.80 -6.25 13.90
N ALA B 174 -4.21 -5.04 14.00
CA ALA B 174 -4.41 -4.18 15.17
C ALA B 174 -5.85 -3.72 15.41
N VAL B 175 -6.22 -3.60 16.68
CA VAL B 175 -7.54 -3.16 17.10
C VAL B 175 -7.42 -1.90 17.92
N LEU B 176 -8.07 -0.83 17.42
CA LEU B 176 -8.05 0.47 18.04
C LEU B 176 -8.93 0.47 19.29
N GLN B 177 -8.29 0.38 20.47
CA GLN B 177 -8.95 0.37 21.78
C GLN B 177 -9.65 1.71 22.08
N SER B 178 -10.46 1.74 23.14
CA SER B 178 -11.16 2.96 23.60
C SER B 178 -10.16 4.07 24.06
N SER B 179 -8.86 3.73 24.13
CA SER B 179 -7.77 4.62 24.51
C SER B 179 -7.53 5.63 23.39
N GLY B 180 -7.65 5.13 22.15
CA GLY B 180 -7.31 5.82 20.92
C GLY B 180 -5.97 5.26 20.45
N LEU B 181 -5.44 4.27 21.23
CA LEU B 181 -4.19 3.56 21.04
C LEU B 181 -4.46 2.15 20.44
N TYR B 182 -3.52 1.64 19.67
CA TYR B 182 -3.66 0.33 19.04
C TYR B 182 -3.14 -0.77 19.91
N SER B 183 -3.74 -1.94 19.79
CA SER B 183 -3.27 -3.12 20.52
C SER B 183 -3.27 -4.27 19.55
N LEU B 184 -2.36 -5.23 19.76
CA LEU B 184 -2.15 -6.35 18.86
C LEU B 184 -1.37 -7.46 19.55
N SER B 185 -1.50 -8.66 19.03
CA SER B 185 -0.74 -9.81 19.50
C SER B 185 -0.16 -10.55 18.32
N SER B 186 1.09 -11.00 18.48
CA SER B 186 1.78 -11.85 17.53
C SER B 186 1.92 -13.15 18.29
N VAL B 187 1.48 -14.28 17.71
CA VAL B 187 1.60 -15.59 18.37
C VAL B 187 2.37 -16.56 17.49
N VAL B 188 2.83 -17.67 18.07
CA VAL B 188 3.54 -18.74 17.35
C VAL B 188 3.29 -20.11 18.04
N THR B 189 3.04 -21.17 17.25
CA THR B 189 2.88 -22.51 17.81
C THR B 189 4.21 -23.19 17.72
N VAL B 190 4.59 -23.94 18.76
CA VAL B 190 5.91 -24.58 18.88
C VAL B 190 5.76 -25.96 19.53
N PRO B 191 6.64 -26.97 19.24
CA PRO B 191 6.53 -28.29 19.95
C PRO B 191 6.82 -28.12 21.43
N SER B 192 6.02 -28.73 22.32
CA SER B 192 6.20 -28.61 23.78
C SER B 192 7.58 -29.05 24.23
N SER B 193 8.18 -30.02 23.50
CA SER B 193 9.53 -30.55 23.73
C SER B 193 10.58 -29.44 23.68
N SER B 194 10.41 -28.46 22.74
CA SER B 194 11.31 -27.31 22.58
C SER B 194 11.28 -26.32 23.79
N LEU B 195 10.23 -26.38 24.65
CA LEU B 195 10.14 -25.54 25.85
C LEU B 195 11.20 -25.96 26.90
N GLY B 196 12.39 -25.37 26.75
CA GLY B 196 13.58 -25.60 27.54
C GLY B 196 14.78 -25.55 26.62
N THR B 197 14.85 -26.54 25.69
CA THR B 197 15.93 -26.71 24.70
C THR B 197 16.11 -25.50 23.77
N LYS B 198 15.03 -24.72 23.49
CA LYS B 198 15.05 -23.55 22.60
C LYS B 198 14.50 -22.27 23.28
N THR B 199 15.03 -21.11 22.81
CA THR B 199 14.74 -19.74 23.25
C THR B 199 13.86 -19.02 22.20
N TYR B 200 12.77 -18.40 22.68
CA TYR B 200 11.79 -17.71 21.83
C TYR B 200 11.68 -16.23 22.22
N THR B 201 12.06 -15.37 21.28
CA THR B 201 12.08 -13.93 21.45
C THR B 201 11.35 -13.24 20.31
N CYS B 202 10.47 -12.30 20.65
CA CYS B 202 9.75 -11.51 19.67
C CYS B 202 10.51 -10.20 19.53
N ASN B 203 10.61 -9.68 18.30
CA ASN B 203 11.31 -8.45 17.96
C ASN B 203 10.27 -7.49 17.43
N VAL B 204 10.05 -6.43 18.19
CA VAL B 204 9.03 -5.45 17.87
C VAL B 204 9.70 -4.17 17.42
N ASP B 205 9.19 -3.62 16.30
CA ASP B 205 9.70 -2.40 15.72
C ASP B 205 8.56 -1.45 15.39
N HIS B 206 8.55 -0.29 16.06
CA HIS B 206 7.60 0.81 15.83
C HIS B 206 8.46 1.96 15.29
N LYS B 207 8.51 2.07 13.94
CA LYS B 207 9.38 3.05 13.30
C LYS B 207 8.95 4.49 13.59
N PRO B 208 7.64 4.86 13.53
CA PRO B 208 7.25 6.25 13.86
C PRO B 208 7.76 6.83 15.19
N SER B 209 7.87 6.01 16.25
CA SER B 209 8.36 6.46 17.56
C SER B 209 9.80 6.02 17.82
N ASN B 210 10.49 5.44 16.78
CA ASN B 210 11.87 4.91 16.85
C ASN B 210 12.05 4.00 18.07
N THR B 211 11.21 2.96 18.10
CA THR B 211 11.12 1.97 19.17
C THR B 211 11.34 0.57 18.63
N LYS B 212 12.43 -0.04 19.10
CA LYS B 212 12.80 -1.41 18.79
C LYS B 212 12.87 -2.07 20.15
N VAL B 213 12.09 -3.14 20.35
CA VAL B 213 12.00 -3.88 21.62
C VAL B 213 12.07 -5.39 21.33
N ASP B 214 12.80 -6.13 22.17
CA ASP B 214 12.91 -7.57 22.08
C ASP B 214 12.51 -8.16 23.42
N LYS B 215 11.51 -9.03 23.45
CA LYS B 215 11.08 -9.59 24.72
C LYS B 215 11.27 -11.09 24.72
N ARG B 216 11.87 -11.64 25.79
CA ARG B 216 12.09 -13.07 25.88
C ARG B 216 10.84 -13.74 26.45
N VAL B 217 10.21 -14.60 25.65
CA VAL B 217 9.01 -15.29 26.12
C VAL B 217 9.41 -16.51 26.95
N GLU B 218 9.09 -16.45 28.24
CA GLU B 218 9.41 -17.51 29.21
C GLU B 218 8.16 -17.92 29.95
N SER B 219 8.01 -19.24 30.23
CA SER B 219 6.91 -19.78 31.01
C SER B 219 7.34 -20.12 32.44
N ASP C 1 -15.01 11.38 -15.15
CA ASP C 1 -14.53 10.10 -14.63
C ASP C 1 -15.35 8.86 -15.03
N ILE C 2 -14.65 7.84 -15.58
CA ILE C 2 -15.22 6.55 -15.98
C ILE C 2 -15.55 5.77 -14.73
N VAL C 3 -16.75 5.21 -14.67
CA VAL C 3 -17.18 4.39 -13.54
C VAL C 3 -17.03 2.92 -13.94
N MET C 4 -16.33 2.16 -13.10
CA MET C 4 -16.12 0.73 -13.33
C MET C 4 -16.95 0.00 -12.28
N THR C 5 -17.88 -0.85 -12.75
CA THR C 5 -18.78 -1.62 -11.87
C THR C 5 -18.49 -3.11 -11.98
N GLN C 6 -18.14 -3.74 -10.85
CA GLN C 6 -17.84 -5.16 -10.72
C GLN C 6 -18.97 -5.94 -10.07
N THR C 7 -19.24 -7.10 -10.62
CA THR C 7 -20.26 -8.04 -10.14
C THR C 7 -19.72 -9.45 -10.20
N PRO C 8 -19.76 -10.22 -9.10
CA PRO C 8 -20.31 -9.90 -7.78
C PRO C 8 -19.35 -9.07 -6.94
N LEU C 9 -19.75 -8.68 -5.73
CA LEU C 9 -18.88 -7.93 -4.82
C LEU C 9 -18.08 -8.86 -3.94
N SER C 10 -18.59 -10.07 -3.72
CA SER C 10 -17.90 -11.12 -2.98
C SER C 10 -18.30 -12.45 -3.54
N LEU C 11 -17.48 -13.47 -3.27
CA LEU C 11 -17.52 -14.81 -3.84
C LEU C 11 -16.87 -15.78 -2.83
N SER C 12 -17.48 -16.95 -2.62
CA SER C 12 -16.92 -18.01 -1.78
C SER C 12 -16.90 -19.27 -2.70
N VAL C 13 -15.72 -19.68 -3.09
CA VAL C 13 -15.56 -20.75 -4.05
C VAL C 13 -14.74 -21.90 -3.50
N THR C 14 -15.24 -23.12 -3.74
CA THR C 14 -14.60 -24.37 -3.36
C THR C 14 -13.38 -24.57 -4.23
N PRO C 15 -12.21 -24.85 -3.64
CA PRO C 15 -11.01 -25.08 -4.47
C PRO C 15 -11.27 -26.15 -5.54
N GLY C 16 -10.95 -25.82 -6.77
CA GLY C 16 -11.21 -26.71 -7.89
C GLY C 16 -12.39 -26.25 -8.72
N GLN C 17 -13.27 -25.44 -8.08
CA GLN C 17 -14.45 -24.91 -8.76
C GLN C 17 -14.15 -23.64 -9.54
N PRO C 18 -14.86 -23.39 -10.66
CA PRO C 18 -14.57 -22.18 -11.45
C PRO C 18 -15.10 -20.91 -10.79
N ALA C 19 -14.58 -19.74 -11.23
CA ALA C 19 -15.04 -18.43 -10.77
C ALA C 19 -15.04 -17.45 -11.92
N SER C 20 -15.97 -16.50 -11.88
CA SER C 20 -16.14 -15.52 -12.93
C SER C 20 -16.43 -14.16 -12.29
N ILE C 21 -15.84 -13.09 -12.82
CA ILE C 21 -16.03 -11.72 -12.34
C ILE C 21 -16.30 -10.83 -13.54
N SER C 22 -17.38 -10.04 -13.45
CA SER C 22 -17.80 -9.10 -14.48
C SER C 22 -17.34 -7.68 -14.17
N CYS C 23 -16.97 -6.93 -15.22
CA CYS C 23 -16.55 -5.52 -15.17
C CYS C 23 -17.22 -4.75 -16.29
N ARG C 24 -18.00 -3.73 -15.94
CA ARG C 24 -18.66 -2.89 -16.94
C ARG C 24 -18.31 -1.44 -16.71
N SER C 25 -17.88 -0.75 -17.78
CA SER C 25 -17.49 0.65 -17.70
C SER C 25 -18.60 1.54 -18.23
N SER C 26 -18.71 2.76 -17.67
CA SER C 26 -19.74 3.74 -18.05
C SER C 26 -19.59 4.24 -19.48
N ARG C 27 -18.41 4.06 -20.08
CA ARG C 27 -18.10 4.49 -21.44
C ARG C 27 -17.18 3.44 -22.07
N SER C 28 -17.11 3.35 -23.41
CA SER C 28 -16.26 2.38 -24.10
C SER C 28 -14.78 2.63 -23.83
N LEU C 29 -14.06 1.54 -23.53
CA LEU C 29 -12.63 1.51 -23.21
C LEU C 29 -11.71 1.35 -24.42
N VAL C 30 -12.28 1.55 -25.63
CA VAL C 30 -11.54 1.48 -26.89
C VAL C 30 -10.89 2.84 -27.12
N HIS C 31 -9.56 2.83 -27.31
CA HIS C 31 -8.78 4.05 -27.56
C HIS C 31 -8.83 4.46 -29.05
N SER C 32 -8.63 5.75 -29.31
CA SER C 32 -8.57 6.34 -30.65
C SER C 32 -7.60 5.58 -31.57
N ARG C 33 -6.44 5.16 -31.06
CA ARG C 33 -5.49 4.45 -31.92
C ARG C 33 -5.72 2.88 -31.89
N GLY C 34 -6.89 2.40 -31.41
CA GLY C 34 -7.26 0.99 -31.49
C GLY C 34 -7.08 0.00 -30.35
N ASN C 35 -6.37 0.36 -29.28
CA ASN C 35 -6.21 -0.59 -28.17
C ASN C 35 -7.30 -0.45 -27.11
N THR C 36 -7.51 -1.54 -26.31
CA THR C 36 -8.48 -1.53 -25.23
C THR C 36 -7.74 -1.74 -23.96
N TYR C 37 -7.62 -0.66 -23.16
CA TYR C 37 -6.87 -0.64 -21.92
C TYR C 37 -7.67 -1.08 -20.72
N LEU C 38 -8.14 -2.32 -20.72
CA LEU C 38 -8.82 -2.89 -19.56
C LEU C 38 -7.87 -3.95 -18.96
N HIS C 39 -7.61 -3.86 -17.66
CA HIS C 39 -6.69 -4.78 -17.00
C HIS C 39 -7.28 -5.36 -15.72
N TRP C 40 -6.73 -6.50 -15.27
CA TRP C 40 -7.13 -7.22 -14.06
C TRP C 40 -5.97 -7.35 -13.08
N TYR C 41 -6.25 -7.04 -11.83
CA TYR C 41 -5.30 -7.09 -10.74
C TYR C 41 -5.83 -7.93 -9.60
N LEU C 42 -4.95 -8.58 -8.90
CA LEU C 42 -5.28 -9.28 -7.66
C LEU C 42 -4.47 -8.63 -6.51
N GLN C 43 -5.18 -8.24 -5.43
CA GLN C 43 -4.57 -7.63 -4.26
C GLN C 43 -4.79 -8.47 -3.02
N LYS C 44 -3.70 -8.89 -2.39
CA LYS C 44 -3.75 -9.63 -1.12
C LYS C 44 -3.65 -8.63 0.01
N PRO C 45 -4.44 -8.77 1.09
CA PRO C 45 -4.43 -7.73 2.14
C PRO C 45 -3.05 -7.35 2.66
N GLY C 46 -2.82 -6.02 2.66
CA GLY C 46 -1.57 -5.38 3.04
C GLY C 46 -0.44 -5.77 2.12
N GLN C 47 -0.70 -5.69 0.82
CA GLN C 47 0.24 -5.95 -0.27
C GLN C 47 -0.20 -5.13 -1.45
N SER C 48 0.74 -4.75 -2.33
CA SER C 48 0.46 -4.00 -3.54
C SER C 48 -0.34 -4.87 -4.51
N PRO C 49 -1.18 -4.26 -5.40
CA PRO C 49 -1.87 -5.06 -6.43
C PRO C 49 -0.89 -5.80 -7.36
N GLN C 50 -1.19 -7.07 -7.74
CA GLN C 50 -0.37 -7.83 -8.69
C GLN C 50 -1.11 -7.88 -10.04
N LEU C 51 -0.41 -7.61 -11.18
CA LEU C 51 -1.03 -7.63 -12.52
C LEU C 51 -1.39 -9.03 -12.94
N LEU C 52 -2.62 -9.25 -13.37
CA LEU C 52 -3.04 -10.59 -13.82
C LEU C 52 -3.19 -10.64 -15.33
N ILE C 53 -4.05 -9.74 -15.85
CA ILE C 53 -4.35 -9.65 -17.26
C ILE C 53 -4.18 -8.21 -17.69
N TYR C 54 -3.58 -7.97 -18.84
CA TYR C 54 -3.47 -6.62 -19.40
C TYR C 54 -4.12 -6.60 -20.79
N LYS C 55 -4.61 -5.44 -21.21
CA LYS C 55 -5.23 -5.25 -22.50
C LYS C 55 -6.27 -6.33 -22.83
N VAL C 56 -7.24 -6.54 -21.89
CA VAL C 56 -8.44 -7.39 -21.98
C VAL C 56 -8.15 -8.86 -21.80
N SER C 57 -7.19 -9.40 -22.59
CA SER C 57 -6.97 -10.82 -22.68
C SER C 57 -5.54 -11.31 -22.51
N ASN C 58 -4.56 -10.41 -22.41
CA ASN C 58 -3.16 -10.86 -22.27
C ASN C 58 -2.78 -11.19 -20.87
N ARG C 59 -2.24 -12.39 -20.66
CA ARG C 59 -1.80 -12.80 -19.31
C ARG C 59 -0.43 -12.26 -19.05
N PHE C 60 -0.20 -11.73 -17.85
CA PHE C 60 1.11 -11.22 -17.52
C PHE C 60 2.08 -12.34 -17.26
N ILE C 61 3.36 -12.13 -17.61
CA ILE C 61 4.41 -13.13 -17.38
C ILE C 61 4.31 -13.70 -15.95
N GLY C 62 4.25 -15.01 -15.87
CA GLY C 62 4.15 -15.71 -14.60
C GLY C 62 2.75 -16.03 -14.13
N VAL C 63 1.71 -15.48 -14.79
CA VAL C 63 0.32 -15.71 -14.38
C VAL C 63 -0.14 -17.07 -14.97
N PRO C 64 -0.57 -18.05 -14.11
CA PRO C 64 -1.02 -19.36 -14.64
C PRO C 64 -2.18 -19.24 -15.60
N ASP C 65 -2.26 -20.19 -16.53
CA ASP C 65 -3.28 -20.21 -17.57
C ASP C 65 -4.71 -20.37 -17.05
N ARG C 66 -4.89 -20.63 -15.70
CA ARG C 66 -6.25 -20.74 -15.13
C ARG C 66 -7.01 -19.41 -15.20
N PHE C 67 -6.22 -18.32 -15.30
CA PHE C 67 -6.72 -16.96 -15.42
C PHE C 67 -6.88 -16.66 -16.91
N SER C 68 -8.02 -16.09 -17.30
CA SER C 68 -8.32 -15.73 -18.69
C SER C 68 -9.20 -14.46 -18.76
N GLY C 69 -8.99 -13.67 -19.79
CA GLY C 69 -9.72 -12.43 -19.96
C GLY C 69 -10.39 -12.30 -21.30
N SER C 70 -11.57 -11.69 -21.27
CA SER C 70 -12.36 -11.48 -22.48
C SER C 70 -13.26 -10.25 -22.33
N GLY C 71 -13.85 -9.85 -23.44
CA GLY C 71 -14.74 -8.71 -23.47
C GLY C 71 -14.37 -7.70 -24.53
N SER C 72 -15.20 -6.67 -24.66
CA SER C 72 -15.04 -5.57 -25.60
C SER C 72 -15.89 -4.38 -25.17
N GLY C 73 -15.55 -3.18 -25.67
CA GLY C 73 -16.30 -1.96 -25.46
C GLY C 73 -16.52 -1.56 -24.03
N THR C 74 -17.63 -2.00 -23.40
CA THR C 74 -17.90 -1.65 -22.01
C THR C 74 -18.01 -2.83 -21.09
N ASP C 75 -18.15 -4.06 -21.63
CA ASP C 75 -18.36 -5.26 -20.78
C ASP C 75 -17.25 -6.26 -20.89
N PHE C 76 -16.63 -6.57 -19.73
CA PHE C 76 -15.51 -7.47 -19.61
C PHE C 76 -15.71 -8.50 -18.50
N THR C 77 -15.07 -9.67 -18.67
CA THR C 77 -15.10 -10.80 -17.74
C THR C 77 -13.72 -11.44 -17.54
N LEU C 78 -13.39 -11.64 -16.22
CA LEU C 78 -12.24 -12.39 -15.74
C LEU C 78 -12.80 -13.75 -15.29
N LYS C 79 -12.23 -14.82 -15.84
CA LYS C 79 -12.58 -16.17 -15.47
C LYS C 79 -11.39 -16.90 -14.84
N ILE C 80 -11.65 -17.67 -13.75
CA ILE C 80 -10.71 -18.59 -13.12
C ILE C 80 -11.31 -19.99 -13.29
N SER C 81 -10.66 -20.85 -14.14
CA SER C 81 -11.12 -22.20 -14.47
C SER C 81 -11.17 -23.15 -13.29
N ARG C 82 -10.20 -23.01 -12.36
CA ARG C 82 -10.08 -23.79 -11.14
C ARG C 82 -9.53 -22.91 -10.06
N VAL C 83 -10.32 -22.67 -9.04
CA VAL C 83 -9.87 -21.81 -7.96
C VAL C 83 -8.87 -22.58 -7.05
N GLU C 84 -7.77 -21.92 -6.68
CA GLU C 84 -6.74 -22.48 -5.81
C GLU C 84 -6.58 -21.60 -4.59
N ALA C 85 -6.03 -22.12 -3.46
CA ALA C 85 -5.91 -21.40 -2.21
C ALA C 85 -5.20 -20.06 -2.32
N GLU C 86 -4.16 -20.04 -3.16
CA GLU C 86 -3.30 -18.90 -3.45
C GLU C 86 -4.05 -17.75 -4.12
N ASP C 87 -5.23 -18.02 -4.66
CA ASP C 87 -6.08 -17.07 -5.36
C ASP C 87 -6.87 -16.16 -4.42
N VAL C 88 -6.87 -16.43 -3.10
CA VAL C 88 -7.59 -15.57 -2.12
C VAL C 88 -7.14 -14.08 -2.27
N GLY C 89 -8.08 -13.15 -2.19
CA GLY C 89 -7.77 -11.73 -2.23
C GLY C 89 -8.85 -10.89 -2.84
N VAL C 90 -8.52 -9.66 -3.22
CA VAL C 90 -9.51 -8.78 -3.83
C VAL C 90 -9.06 -8.55 -5.25
N TYR C 91 -9.99 -8.75 -6.20
CA TYR C 91 -9.75 -8.59 -7.63
C TYR C 91 -10.30 -7.27 -8.08
N TYR C 92 -9.51 -6.53 -8.86
CA TYR C 92 -9.89 -5.23 -9.40
C TYR C 92 -9.76 -5.18 -10.90
N CYS C 93 -10.72 -4.55 -11.57
CA CYS C 93 -10.55 -4.24 -12.97
C CYS C 93 -10.07 -2.80 -13.02
N SER C 94 -9.37 -2.42 -14.09
CA SER C 94 -8.88 -1.06 -14.21
C SER C 94 -8.78 -0.61 -15.63
N GLN C 95 -9.14 0.66 -15.89
CA GLN C 95 -9.03 1.24 -17.22
C GLN C 95 -7.92 2.26 -17.25
N SER C 96 -7.06 2.16 -18.25
CA SER C 96 -6.02 3.16 -18.48
C SER C 96 -6.19 3.79 -19.89
N THR C 97 -7.45 3.89 -20.40
CA THR C 97 -7.76 4.50 -21.70
C THR C 97 -7.96 6.01 -21.56
N HIS C 98 -8.75 6.37 -20.53
CA HIS C 98 -9.20 7.71 -20.21
C HIS C 98 -8.65 8.27 -18.90
N LEU C 99 -8.19 9.52 -18.95
CA LEU C 99 -7.72 10.20 -17.74
C LEU C 99 -8.94 10.83 -17.05
N PRO C 100 -9.08 10.66 -15.72
CA PRO C 100 -8.19 9.92 -14.81
C PRO C 100 -8.44 8.42 -14.85
N PHE C 101 -7.37 7.65 -14.71
CA PHE C 101 -7.47 6.20 -14.69
C PHE C 101 -8.35 5.78 -13.52
N THR C 102 -9.16 4.74 -13.72
CA THR C 102 -10.11 4.29 -12.72
C THR C 102 -10.04 2.79 -12.48
N PHE C 103 -10.49 2.35 -11.28
CA PHE C 103 -10.54 0.95 -10.82
C PHE C 103 -11.98 0.61 -10.43
N GLY C 104 -12.30 -0.66 -10.46
CA GLY C 104 -13.58 -1.14 -9.96
C GLY C 104 -13.55 -1.17 -8.42
N GLN C 105 -14.75 -1.40 -7.80
CA GLN C 105 -14.98 -1.47 -6.37
C GLN C 105 -14.12 -2.53 -5.74
N GLY C 106 -13.81 -3.58 -6.50
CA GLY C 106 -13.08 -4.78 -6.07
C GLY C 106 -14.07 -5.89 -5.76
N THR C 107 -13.68 -7.15 -6.01
CA THR C 107 -14.48 -8.35 -5.69
C THR C 107 -13.65 -9.18 -4.74
N LYS C 108 -14.21 -9.53 -3.56
CA LYS C 108 -13.46 -10.36 -2.60
C LYS C 108 -13.68 -11.83 -2.91
N LEU C 109 -12.58 -12.60 -2.99
CA LEU C 109 -12.65 -14.03 -3.21
C LEU C 109 -12.23 -14.73 -1.96
N GLU C 110 -13.15 -15.51 -1.44
CA GLU C 110 -12.95 -16.34 -0.26
C GLU C 110 -12.88 -17.81 -0.71
N ILE C 111 -11.97 -18.55 -0.11
CA ILE C 111 -11.85 -19.96 -0.47
C ILE C 111 -12.73 -20.82 0.45
N LYS C 112 -13.74 -21.48 -0.11
CA LYS C 112 -14.65 -22.36 0.64
C LYS C 112 -13.98 -23.69 0.86
N ARG C 113 -13.05 -23.73 1.80
CA ARG C 113 -12.35 -24.98 2.08
C ARG C 113 -13.20 -25.82 3.04
N THR C 114 -12.75 -27.03 3.37
CA THR C 114 -13.53 -27.84 4.32
C THR C 114 -13.42 -27.32 5.77
N VAL C 115 -14.38 -27.72 6.63
CA VAL C 115 -14.32 -27.30 8.03
C VAL C 115 -13.00 -27.66 8.60
N ALA C 116 -12.48 -26.75 9.43
CA ALA C 116 -11.28 -26.94 10.17
C ALA C 116 -11.60 -26.40 11.59
N ALA C 117 -11.54 -27.31 12.58
CA ALA C 117 -11.73 -26.94 13.96
C ALA C 117 -10.53 -26.15 14.48
N PRO C 118 -10.76 -25.15 15.35
CA PRO C 118 -9.64 -24.38 15.89
C PRO C 118 -8.88 -25.07 17.02
N SER C 119 -7.58 -24.81 17.16
CA SER C 119 -6.80 -25.21 18.32
C SER C 119 -6.86 -24.01 19.27
N VAL C 120 -7.30 -24.25 20.50
CA VAL C 120 -7.57 -23.16 21.45
C VAL C 120 -6.48 -23.06 22.51
N PHE C 121 -5.99 -21.83 22.81
CA PHE C 121 -4.94 -21.54 23.79
C PHE C 121 -5.30 -20.34 24.64
N ILE C 122 -4.86 -20.33 25.90
CA ILE C 122 -5.13 -19.21 26.81
C ILE C 122 -3.83 -18.71 27.42
N PHE C 123 -3.66 -17.40 27.54
CA PHE C 123 -2.47 -16.77 28.09
C PHE C 123 -2.80 -15.85 29.26
N PRO C 124 -2.24 -16.12 30.46
CA PRO C 124 -2.48 -15.21 31.59
C PRO C 124 -1.72 -13.90 31.41
N PRO C 125 -2.15 -12.84 32.12
CA PRO C 125 -1.40 -11.57 32.06
C PRO C 125 0.02 -11.71 32.63
N SER C 126 0.97 -10.97 32.05
CA SER C 126 2.36 -11.03 32.50
C SER C 126 2.55 -10.24 33.80
N ASP C 127 3.55 -10.62 34.59
CA ASP C 127 3.83 -9.90 35.82
C ASP C 127 4.22 -8.43 35.55
N GLU C 128 4.98 -8.13 34.41
CA GLU C 128 5.33 -6.73 34.02
C GLU C 128 4.07 -5.94 33.77
N GLN C 129 3.09 -6.54 33.02
CA GLN C 129 1.85 -5.83 32.72
C GLN C 129 1.09 -5.50 33.99
N LEU C 130 1.04 -6.44 34.93
CA LEU C 130 0.32 -6.20 36.16
C LEU C 130 0.86 -5.01 36.93
N LYS C 131 2.20 -4.77 36.88
CA LYS C 131 2.83 -3.63 37.56
C LYS C 131 2.18 -2.36 37.02
N SER C 132 1.82 -2.36 35.71
CA SER C 132 1.15 -1.27 34.99
C SER C 132 -0.28 -0.97 35.52
N GLY C 133 -0.90 -1.92 36.23
CA GLY C 133 -2.25 -1.75 36.79
C GLY C 133 -3.38 -2.26 35.91
N THR C 134 -3.04 -3.03 34.86
CA THR C 134 -3.99 -3.64 33.94
C THR C 134 -3.64 -5.10 33.68
N ALA C 135 -4.66 -5.91 33.42
CA ALA C 135 -4.54 -7.33 33.13
C ALA C 135 -5.23 -7.61 31.81
N SER C 136 -4.50 -8.25 30.91
CA SER C 136 -5.03 -8.63 29.63
C SER C 136 -4.90 -10.14 29.52
N VAL C 137 -6.03 -10.83 29.36
CA VAL C 137 -6.01 -12.28 29.20
C VAL C 137 -6.25 -12.54 27.73
N VAL C 138 -5.46 -13.43 27.13
CA VAL C 138 -5.57 -13.69 25.70
C VAL C 138 -5.98 -15.11 25.39
N CYS C 139 -6.94 -15.25 24.49
CA CYS C 139 -7.34 -16.54 24.02
C CYS C 139 -7.11 -16.66 22.53
N LEU C 140 -6.40 -17.72 22.09
CA LEU C 140 -6.11 -17.92 20.68
C LEU C 140 -6.85 -19.09 20.14
N LEU C 141 -7.53 -18.87 18.99
CA LEU C 141 -8.25 -19.88 18.20
C LEU C 141 -7.46 -19.93 16.93
N ASN C 142 -6.73 -21.03 16.76
CA ASN C 142 -5.82 -21.19 15.64
C ASN C 142 -6.33 -22.04 14.46
N ASN C 143 -6.05 -21.61 13.23
CA ASN C 143 -6.27 -22.32 11.97
C ASN C 143 -7.59 -23.06 11.83
N PHE C 144 -8.65 -22.27 11.68
CA PHE C 144 -9.99 -22.79 11.58
C PHE C 144 -10.70 -22.24 10.38
N TYR C 145 -11.75 -22.94 9.96
CA TYR C 145 -12.61 -22.54 8.87
C TYR C 145 -14.00 -23.16 9.06
N PRO C 146 -15.11 -22.41 8.84
CA PRO C 146 -15.21 -20.99 8.43
C PRO C 146 -14.87 -20.00 9.53
N ARG C 147 -14.91 -18.71 9.22
CA ARG C 147 -14.55 -17.61 10.11
C ARG C 147 -15.46 -17.50 11.33
N GLU C 148 -16.73 -17.88 11.16
CA GLU C 148 -17.71 -17.81 12.23
C GLU C 148 -17.31 -18.75 13.34
N ALA C 149 -16.93 -18.14 14.46
CA ALA C 149 -16.56 -18.75 15.73
C ALA C 149 -17.18 -17.91 16.85
N LYS C 150 -17.42 -18.52 18.01
CA LYS C 150 -18.00 -17.83 19.17
C LYS C 150 -17.06 -18.01 20.38
N VAL C 151 -16.53 -16.88 20.92
CA VAL C 151 -15.62 -16.88 22.09
C VAL C 151 -16.33 -16.31 23.33
N GLN C 152 -16.40 -17.09 24.40
CA GLN C 152 -17.02 -16.60 25.61
C GLN C 152 -16.03 -16.59 26.74
N TRP C 153 -15.95 -15.48 27.50
CA TRP C 153 -15.06 -15.37 28.66
C TRP C 153 -15.82 -15.61 29.95
N LYS C 154 -15.32 -16.53 30.78
CA LYS C 154 -15.93 -16.73 32.10
C LYS C 154 -14.87 -16.43 33.15
N VAL C 155 -15.24 -15.66 34.16
CA VAL C 155 -14.35 -15.31 35.28
C VAL C 155 -15.08 -15.85 36.50
N ASP C 156 -14.53 -16.93 37.09
CA ASP C 156 -15.15 -17.64 38.25
C ASP C 156 -16.59 -18.05 37.92
N ASN C 157 -16.77 -18.63 36.68
CA ASN C 157 -18.00 -19.13 36.08
C ASN C 157 -18.96 -18.06 35.61
N ALA C 158 -18.74 -16.78 35.95
CA ALA C 158 -19.63 -15.69 35.52
C ALA C 158 -19.26 -15.21 34.11
N LEU C 159 -20.24 -15.26 33.20
CA LEU C 159 -20.10 -14.82 31.80
C LEU C 159 -19.79 -13.32 31.72
N GLN C 160 -18.80 -12.97 30.95
CA GLN C 160 -18.37 -11.60 30.77
C GLN C 160 -19.00 -10.93 29.53
N SER C 161 -19.19 -9.62 29.59
CA SER C 161 -19.71 -8.85 28.47
C SER C 161 -19.15 -7.41 28.44
N GLY C 162 -18.76 -7.00 27.24
CA GLY C 162 -18.23 -5.68 26.94
C GLY C 162 -16.85 -5.34 27.47
N ASN C 163 -16.04 -6.33 27.84
CA ASN C 163 -14.69 -6.06 28.34
C ASN C 163 -13.67 -6.91 27.58
N SER C 164 -13.98 -7.22 26.31
CA SER C 164 -13.11 -8.04 25.45
C SER C 164 -13.28 -7.64 23.98
N GLN C 165 -12.15 -7.70 23.21
CA GLN C 165 -12.07 -7.41 21.77
C GLN C 165 -11.54 -8.62 21.02
N GLU C 166 -11.94 -8.73 19.73
CA GLU C 166 -11.49 -9.81 18.82
C GLU C 166 -10.71 -9.26 17.63
N SER C 167 -9.89 -10.10 17.03
CA SER C 167 -9.13 -9.75 15.85
C SER C 167 -8.97 -11.02 15.06
N VAL C 168 -9.36 -10.99 13.77
CA VAL C 168 -9.25 -12.16 12.90
C VAL C 168 -8.21 -11.87 11.87
N THR C 169 -7.44 -12.91 11.52
CA THR C 169 -6.44 -12.79 10.46
C THR C 169 -7.12 -12.82 9.08
N GLU C 170 -6.32 -12.49 8.06
CA GLU C 170 -6.81 -12.55 6.70
C GLU C 170 -6.73 -14.04 6.32
N GLN C 171 -7.65 -14.55 5.44
CA GLN C 171 -7.64 -15.99 5.07
C GLN C 171 -6.26 -16.37 4.53
N ASP C 172 -5.63 -17.43 5.05
CA ASP C 172 -4.27 -17.84 4.64
C ASP C 172 -4.19 -18.28 3.16
N SER C 173 -3.09 -17.87 2.51
CA SER C 173 -2.86 -18.19 1.10
C SER C 173 -2.49 -19.66 0.84
N LYS C 174 -2.09 -20.38 1.89
CA LYS C 174 -1.69 -21.76 1.71
C LYS C 174 -2.72 -22.78 2.24
N ASP C 175 -3.13 -22.68 3.52
CA ASP C 175 -4.10 -23.60 4.10
C ASP C 175 -5.56 -23.07 4.13
N SER C 176 -5.79 -21.83 3.71
CA SER C 176 -7.13 -21.24 3.62
C SER C 176 -7.92 -21.18 4.95
N THR C 177 -7.18 -21.11 6.05
CA THR C 177 -7.81 -21.00 7.36
C THR C 177 -7.69 -19.58 7.92
N TYR C 178 -8.34 -19.36 9.08
CA TYR C 178 -8.32 -18.13 9.83
C TYR C 178 -7.82 -18.43 11.22
N SER C 179 -7.40 -17.36 11.91
CA SER C 179 -7.00 -17.41 13.30
C SER C 179 -7.56 -16.18 13.96
N LEU C 180 -8.03 -16.35 15.20
CA LEU C 180 -8.69 -15.30 15.95
C LEU C 180 -8.04 -15.11 17.31
N SER C 181 -8.02 -13.90 17.79
CA SER C 181 -7.52 -13.65 19.11
C SER C 181 -8.57 -12.86 19.86
N SER C 182 -8.91 -13.33 21.09
CA SER C 182 -9.83 -12.61 21.96
C SER C 182 -9.07 -12.09 23.19
N THR C 183 -9.14 -10.78 23.43
CA THR C 183 -8.45 -10.20 24.58
C THR C 183 -9.40 -9.62 25.59
N LEU C 184 -9.38 -10.21 26.81
CA LEU C 184 -10.20 -9.77 27.93
C LEU C 184 -9.38 -8.78 28.68
N THR C 185 -9.90 -7.58 28.93
CA THR C 185 -9.14 -6.56 29.63
C THR C 185 -9.80 -6.23 30.97
N LEU C 186 -9.06 -6.45 32.07
CA LEU C 186 -9.48 -6.22 33.43
C LEU C 186 -8.51 -5.30 34.10
N SER C 187 -8.94 -4.65 35.18
CA SER C 187 -8.06 -3.84 35.99
C SER C 187 -7.25 -4.83 36.86
N LYS C 188 -6.07 -4.40 37.32
CA LYS C 188 -5.27 -5.22 38.21
C LYS C 188 -6.12 -5.66 39.44
N ALA C 189 -6.94 -4.74 39.96
CA ALA C 189 -7.80 -4.98 41.12
C ALA C 189 -8.85 -6.06 40.85
N ASP C 190 -9.58 -5.97 39.71
CA ASP C 190 -10.62 -6.94 39.38
C ASP C 190 -9.97 -8.28 39.20
N TYR C 191 -8.81 -8.29 38.51
CA TYR C 191 -8.08 -9.51 38.20
C TYR C 191 -7.71 -10.25 39.46
N GLU C 192 -7.24 -9.53 40.48
CA GLU C 192 -6.78 -10.12 41.72
C GLU C 192 -7.90 -10.54 42.69
N LYS C 193 -9.18 -10.20 42.39
CA LYS C 193 -10.37 -10.60 43.17
C LYS C 193 -10.89 -12.01 42.77
N HIS C 194 -10.53 -12.53 41.58
CA HIS C 194 -11.04 -13.83 41.12
C HIS C 194 -9.95 -14.84 40.79
N LYS C 195 -10.30 -16.17 40.81
CA LYS C 195 -9.34 -17.26 40.58
C LYS C 195 -9.35 -17.87 39.18
N VAL C 196 -10.53 -18.28 38.70
CA VAL C 196 -10.62 -19.02 37.44
C VAL C 196 -10.94 -18.16 36.23
N TYR C 197 -10.04 -18.21 35.27
CA TYR C 197 -10.19 -17.51 34.00
C TYR C 197 -10.32 -18.52 32.86
N ALA C 198 -11.48 -18.53 32.19
CA ALA C 198 -11.76 -19.50 31.13
C ALA C 198 -12.23 -18.86 29.89
N CYS C 199 -11.83 -19.48 28.84
CA CYS C 199 -12.11 -19.10 27.49
C CYS C 199 -12.93 -20.23 26.86
N GLU C 200 -14.16 -19.96 26.41
CA GLU C 200 -15.01 -21.01 25.85
C GLU C 200 -15.29 -20.78 24.36
N VAL C 201 -15.00 -21.79 23.55
CA VAL C 201 -15.09 -21.70 22.09
C VAL C 201 -16.15 -22.63 21.45
N THR C 202 -16.93 -22.07 20.52
CA THR C 202 -17.94 -22.76 19.72
C THR C 202 -17.63 -22.54 18.22
N HIS C 203 -17.54 -23.65 17.48
CA HIS C 203 -17.20 -23.61 16.08
C HIS C 203 -17.79 -24.82 15.38
N GLN C 204 -18.12 -24.66 14.07
CA GLN C 204 -18.69 -25.71 13.23
C GLN C 204 -17.87 -26.99 13.30
N GLY C 205 -16.55 -26.86 13.36
CA GLY C 205 -15.64 -27.99 13.42
C GLY C 205 -15.59 -28.71 14.75
N LEU C 206 -16.22 -28.17 15.80
CA LEU C 206 -16.19 -28.82 17.14
C LEU C 206 -17.52 -29.48 17.45
N SER C 207 -17.49 -30.74 17.92
CA SER C 207 -18.70 -31.52 18.26
C SER C 207 -19.44 -30.95 19.50
N SER C 208 -18.69 -30.26 20.38
CA SER C 208 -19.15 -29.59 21.60
C SER C 208 -18.16 -28.44 21.92
N PRO C 209 -18.53 -27.49 22.81
CA PRO C 209 -17.62 -26.37 23.10
C PRO C 209 -16.33 -26.74 23.82
N VAL C 210 -15.26 -26.01 23.49
CA VAL C 210 -13.93 -26.23 24.03
C VAL C 210 -13.57 -25.12 24.99
N THR C 211 -13.17 -25.50 26.21
CA THR C 211 -12.77 -24.57 27.26
C THR C 211 -11.30 -24.70 27.56
N LYS C 212 -10.63 -23.56 27.65
CA LYS C 212 -9.23 -23.47 28.05
C LYS C 212 -9.24 -22.52 29.26
N SER C 213 -8.65 -22.95 30.38
CA SER C 213 -8.66 -22.10 31.56
C SER C 213 -7.39 -22.18 32.34
N PHE C 214 -7.25 -21.28 33.32
CA PHE C 214 -6.19 -21.28 34.29
C PHE C 214 -6.70 -20.72 35.59
N ASN C 215 -5.97 -21.02 36.68
CA ASN C 215 -6.25 -20.49 38.01
C ASN C 215 -5.14 -19.46 38.30
N ARG C 216 -5.55 -18.21 38.58
CA ARG C 216 -4.61 -17.14 38.92
C ARG C 216 -3.95 -17.59 40.22
N GLY C 217 -2.66 -17.86 40.13
CA GLY C 217 -1.98 -18.39 41.30
C GLY C 217 -1.51 -19.81 41.08
N GLU C 218 -0.98 -20.05 39.86
CA GLU C 218 -0.21 -21.18 39.35
C GLU C 218 0.94 -20.41 38.72
N CYS C 219 0.61 -19.57 37.74
CA CYS C 219 1.49 -18.64 37.06
C CYS C 219 1.71 -17.45 38.01
#